data_3W1Z
#
_entry.id   3W1Z
#
_cell.length_a   78.296
_cell.length_b   121.078
_cell.length_c   122.592
_cell.angle_alpha   90.00
_cell.angle_beta   90.00
_cell.angle_gamma   90.00
#
_symmetry.space_group_name_H-M   'I 2 2 2'
#
loop_
_entity.id
_entity.type
_entity.pdbx_description
1 polymer 'Heat shock protein 16'
2 water water
#
_entity_poly.entity_id   1
_entity_poly.type   'polypeptide(L)'
_entity_poly.pdbx_seq_one_letter_code
;MSLQPFFGFPPTVNDLFSDFVSYSPRLNNQIPGELSPSIDVHEGKDTVSVDVELPGVKKEDVQVHYDSGKLTISGEVVNE
RKNESTEGNQRWSERRFGSFSRTITIPAKIDADRIEANFSNGLLTVTLPKVEKSQTKKQIAIK
;
_entity_poly.pdbx_strand_id   A,B,C,D
#
# COMPACT_ATOMS: atom_id res chain seq x y z
N PRO A 10 5.72 7.93 10.35
CA PRO A 10 5.89 6.73 11.16
C PRO A 10 6.05 5.46 10.30
N PRO A 11 7.27 5.17 9.87
CA PRO A 11 7.56 3.98 9.04
C PRO A 11 7.34 2.69 9.83
N THR A 12 6.86 1.66 9.15
CA THR A 12 6.56 0.39 9.78
C THR A 12 7.35 -0.76 9.14
N VAL A 13 8.04 -1.54 9.97
CA VAL A 13 8.78 -2.70 9.46
C VAL A 13 7.79 -3.81 9.15
N ASN A 14 7.81 -4.29 7.92
CA ASN A 14 6.79 -5.21 7.42
C ASN A 14 6.97 -6.64 7.92
N ASP A 15 8.23 -7.04 8.09
CA ASP A 15 8.53 -8.38 8.56
C ASP A 15 9.29 -8.33 9.89
N LEU A 16 8.65 -8.83 10.94
CA LEU A 16 9.14 -8.63 12.31
C LEU A 16 10.26 -9.59 12.71
N PHE A 17 11.23 -9.05 13.45
CA PHE A 17 12.34 -9.82 14.03
C PHE A 17 13.08 -10.66 12.99
N SER A 18 13.30 -10.08 11.82
CA SER A 18 13.86 -10.82 10.69
C SER A 18 15.32 -11.23 10.89
N ASP A 19 15.62 -12.49 10.54
CA ASP A 19 17.00 -12.96 10.50
C ASP A 19 17.66 -12.57 9.19
N PHE A 20 16.84 -12.30 8.17
CA PHE A 20 17.35 -12.00 6.83
C PHE A 20 17.88 -10.58 6.66
N VAL A 21 17.11 -9.59 7.10
CA VAL A 21 17.44 -8.19 6.84
C VAL A 21 17.31 -7.31 8.09
N SER A 22 18.36 -6.55 8.39
CA SER A 22 18.32 -5.59 9.49
C SER A 22 17.74 -4.26 9.01
N TYR A 23 16.64 -3.85 9.64
CA TYR A 23 15.95 -2.63 9.24
C TYR A 23 16.81 -1.41 9.53
N SER A 24 16.96 -0.58 8.51
CA SER A 24 17.88 0.55 8.55
C SER A 24 17.38 1.54 7.54
N PRO A 25 18.14 2.60 7.27
CA PRO A 25 17.64 3.29 6.07
C PRO A 25 18.04 2.66 4.73
N ARG A 26 17.84 1.37 4.57
CA ARG A 26 17.77 0.81 3.22
C ARG A 26 16.35 1.00 2.74
N LEU A 27 15.94 0.26 1.70
CA LEU A 27 14.75 0.62 0.93
C LEU A 27 13.58 0.95 1.85
N ASN A 28 13.05 2.14 1.63
CA ASN A 28 12.08 2.73 2.53
C ASN A 28 10.88 1.84 2.68
N ASN A 29 10.25 1.50 1.55
CA ASN A 29 8.99 0.75 1.52
C ASN A 29 7.90 1.60 2.15
N GLN A 30 8.30 2.76 2.65
CA GLN A 30 7.49 3.62 3.49
C GLN A 30 6.21 4.10 2.83
N ILE A 31 6.36 5.06 1.91
CA ILE A 31 5.25 5.71 1.20
C ILE A 31 4.02 5.74 2.09
N PRO A 32 4.11 6.47 3.22
CA PRO A 32 3.24 6.32 4.38
C PRO A 32 1.76 6.33 4.01
N GLY A 33 0.98 5.48 4.68
CA GLY A 33 -0.44 5.42 4.43
C GLY A 33 -0.91 4.16 3.71
N GLU A 34 0.02 3.35 3.24
CA GLU A 34 -0.35 2.07 2.61
C GLU A 34 -0.77 1.01 3.62
N LEU A 35 -1.44 -0.03 3.14
CA LEU A 35 -2.07 -1.01 4.01
C LEU A 35 -1.03 -1.82 4.79
N SER A 36 -1.13 -1.72 6.11
CA SER A 36 -0.24 -2.44 7.02
C SER A 36 -1.01 -2.86 8.27
N PRO A 37 -1.70 -4.02 8.21
CA PRO A 37 -2.52 -4.44 9.35
C PRO A 37 -1.69 -4.46 10.63
N SER A 38 -2.18 -3.76 11.65
CA SER A 38 -1.39 -3.52 12.86
C SER A 38 -1.15 -4.80 13.65
N ILE A 39 0.07 -4.95 14.16
CA ILE A 39 0.46 -6.19 14.82
C ILE A 39 1.05 -5.97 16.22
N ASP A 40 0.46 -6.66 17.19
CA ASP A 40 1.00 -6.72 18.54
C ASP A 40 1.53 -8.12 18.82
N VAL A 41 2.67 -8.20 19.49
CA VAL A 41 3.27 -9.49 19.81
C VAL A 41 3.64 -9.56 21.29
N HIS A 42 3.16 -10.59 21.97
CA HIS A 42 3.49 -10.79 23.36
C HIS A 42 4.10 -12.16 23.62
N GLU A 43 5.05 -12.24 24.54
CA GLU A 43 5.63 -13.53 24.91
C GLU A 43 5.52 -13.76 26.41
N GLY A 44 4.73 -14.75 26.79
CA GLY A 44 4.58 -15.11 28.19
C GLY A 44 5.42 -16.32 28.52
N LYS A 45 5.20 -16.92 29.67
CA LYS A 45 5.95 -18.09 30.06
C LYS A 45 5.66 -19.24 29.18
N ASP A 46 4.41 -19.51 28.96
CA ASP A 46 4.04 -20.65 28.12
C ASP A 46 3.67 -20.34 26.68
N THR A 47 3.60 -19.06 26.30
CA THR A 47 2.96 -18.75 25.03
C THR A 47 3.43 -17.49 24.29
N VAL A 48 3.28 -17.54 22.96
CA VAL A 48 3.52 -16.39 22.10
C VAL A 48 2.21 -16.00 21.42
N SER A 49 1.77 -14.76 21.62
CA SER A 49 0.53 -14.28 21.04
C SER A 49 0.77 -13.22 19.97
N VAL A 50 0.16 -13.44 18.81
CA VAL A 50 0.24 -12.48 17.72
C VAL A 50 -1.16 -11.94 17.37
N ASP A 51 -1.37 -10.66 17.65
CA ASP A 51 -2.64 -10.00 17.34
C ASP A 51 -2.52 -9.11 16.11
N VAL A 52 -3.41 -9.31 15.15
CA VAL A 52 -3.40 -8.58 13.91
C VAL A 52 -4.75 -7.93 13.67
N GLU A 53 -4.77 -6.62 13.47
CA GLU A 53 -6.01 -5.91 13.19
C GLU A 53 -6.39 -6.07 11.72
N LEU A 54 -7.57 -6.64 11.48
CA LEU A 54 -8.06 -6.82 10.12
C LEU A 54 -9.55 -6.47 10.03
N PRO A 55 -9.89 -5.18 10.21
CA PRO A 55 -11.31 -4.78 10.15
C PRO A 55 -11.89 -4.91 8.74
N GLY A 56 -13.11 -5.44 8.67
CA GLY A 56 -13.80 -5.58 7.40
C GLY A 56 -13.29 -6.72 6.54
N VAL A 57 -12.65 -7.70 7.18
CA VAL A 57 -12.11 -8.85 6.47
C VAL A 57 -12.80 -10.14 6.91
N LYS A 58 -13.22 -10.96 5.96
CA LYS A 58 -13.78 -12.26 6.28
C LYS A 58 -12.63 -13.24 6.53
N LYS A 59 -12.82 -14.16 7.48
CA LYS A 59 -11.75 -15.07 7.89
C LYS A 59 -11.29 -15.99 6.75
N GLU A 60 -12.17 -16.23 5.79
CA GLU A 60 -11.84 -17.09 4.66
C GLU A 60 -10.95 -16.35 3.65
N ASP A 61 -10.84 -15.04 3.81
CA ASP A 61 -9.99 -14.23 2.95
C ASP A 61 -8.57 -14.10 3.48
N VAL A 62 -8.36 -14.52 4.72
CA VAL A 62 -7.04 -14.42 5.35
C VAL A 62 -6.46 -15.81 5.62
N GLN A 63 -5.20 -16.00 5.27
CA GLN A 63 -4.52 -17.26 5.54
C GLN A 63 -3.32 -17.08 6.48
N VAL A 64 -3.09 -18.11 7.29
CA VAL A 64 -1.99 -18.14 8.25
C VAL A 64 -1.14 -19.39 8.02
N HIS A 65 0.15 -19.20 7.79
CA HIS A 65 1.05 -20.32 7.58
C HIS A 65 2.25 -20.27 8.53
N TYR A 66 2.52 -21.38 9.20
CA TYR A 66 3.72 -21.46 10.04
C TYR A 66 4.79 -22.33 9.38
N ASP A 67 5.97 -21.76 9.18
CA ASP A 67 7.09 -22.50 8.60
C ASP A 67 8.37 -22.22 9.38
N SER A 68 8.91 -23.28 9.99
CA SER A 68 10.26 -23.27 10.56
C SER A 68 10.59 -22.05 11.43
N GLY A 69 9.66 -21.64 12.27
CA GLY A 69 9.88 -20.51 13.16
C GLY A 69 9.36 -19.18 12.64
N LYS A 70 8.78 -19.21 11.44
CA LYS A 70 8.24 -17.98 10.84
C LYS A 70 6.73 -18.07 10.64
N LEU A 71 6.01 -17.16 11.28
CA LEU A 71 4.58 -17.05 11.12
C LEU A 71 4.27 -16.03 10.03
N THR A 72 3.62 -16.48 8.96
CA THR A 72 3.22 -15.58 7.89
C THR A 72 1.71 -15.43 7.85
N ILE A 73 1.25 -14.18 7.97
CA ILE A 73 -0.17 -13.88 7.88
C ILE A 73 -0.41 -13.03 6.64
N SER A 74 -1.25 -13.54 5.73
CA SER A 74 -1.47 -12.84 4.48
C SER A 74 -2.93 -12.85 4.05
N GLY A 75 -3.27 -12.00 3.09
CA GLY A 75 -4.63 -11.94 2.60
C GLY A 75 -4.95 -10.69 1.79
N GLU A 76 -6.24 -10.45 1.61
CA GLU A 76 -6.71 -9.39 0.75
C GLU A 76 -7.82 -8.57 1.42
N VAL A 77 -7.56 -7.28 1.61
CA VAL A 77 -8.58 -6.37 2.14
C VAL A 77 -9.29 -5.75 0.95
N VAL A 78 -10.55 -6.12 0.76
CA VAL A 78 -11.29 -5.76 -0.45
C VAL A 78 -12.33 -4.67 -0.22
N ASN A 79 -12.26 -3.62 -1.03
CA ASN A 79 -13.31 -2.61 -1.05
C ASN A 79 -14.55 -3.24 -1.66
N GLU A 80 -15.66 -3.23 -0.92
CA GLU A 80 -16.89 -3.86 -1.39
C GLU A 80 -17.80 -2.87 -2.12
N ARG A 81 -17.45 -1.58 -2.05
CA ARG A 81 -18.15 -0.53 -2.77
C ARG A 81 -17.57 -0.46 -4.17
N LYS A 82 -16.62 -1.35 -4.46
CA LYS A 82 -15.96 -1.39 -5.76
C LYS A 82 -16.81 -2.20 -6.75
N ASN A 83 -17.98 -2.63 -6.29
CA ASN A 83 -18.87 -3.49 -7.09
C ASN A 83 -19.31 -2.88 -8.43
N GLU A 84 -19.06 -1.59 -8.62
CA GLU A 84 -19.22 -0.98 -9.94
C GLU A 84 -18.35 0.27 -10.13
N SER A 85 -18.18 0.70 -11.37
CA SER A 85 -17.29 1.83 -11.68
C SER A 85 -18.01 3.17 -11.54
N THR A 86 -19.28 3.10 -11.16
CA THR A 86 -20.18 4.25 -11.08
C THR A 86 -21.28 3.92 -10.06
N GLU A 87 -22.41 4.63 -10.12
CA GLU A 87 -23.52 4.44 -9.17
C GLU A 87 -23.17 4.85 -7.74
N GLY A 88 -23.13 6.16 -7.54
CA GLY A 88 -22.85 6.71 -6.22
C GLY A 88 -21.35 6.81 -6.10
N ASN A 89 -20.88 7.80 -5.35
CA ASN A 89 -19.45 8.08 -5.32
C ASN A 89 -18.88 7.98 -3.92
N GLN A 90 -17.56 7.79 -3.84
CA GLN A 90 -16.89 7.91 -2.56
C GLN A 90 -16.72 9.39 -2.31
N ARG A 91 -17.35 9.88 -1.26
CA ARG A 91 -17.15 11.27 -0.87
C ARG A 91 -15.87 11.37 -0.04
N TRP A 92 -15.55 10.30 0.68
CA TRP A 92 -14.39 10.28 1.56
C TRP A 92 -13.82 8.87 1.62
N SER A 93 -12.49 8.74 1.57
CA SER A 93 -11.87 7.45 1.87
C SER A 93 -10.65 7.53 2.78
N GLU A 94 -10.80 7.04 4.01
CA GLU A 94 -9.64 6.80 4.88
C GLU A 94 -9.20 5.34 4.95
N ARG A 95 -10.03 4.44 4.41
CA ARG A 95 -9.76 3.01 4.53
C ARG A 95 -8.71 2.55 3.50
N ARG A 96 -7.84 1.65 3.94
CA ARG A 96 -6.76 1.16 3.09
C ARG A 96 -7.03 -0.27 2.64
N PHE A 97 -7.15 -0.46 1.33
CA PHE A 97 -7.45 -1.78 0.77
C PHE A 97 -6.23 -2.40 0.07
N GLY A 98 -6.42 -3.57 -0.52
CA GLY A 98 -5.34 -4.24 -1.23
C GLY A 98 -4.77 -5.45 -0.53
N SER A 99 -3.71 -6.01 -1.09
CA SER A 99 -3.08 -7.21 -0.57
C SER A 99 -2.15 -6.91 0.61
N PHE A 100 -1.96 -7.91 1.47
CA PHE A 100 -0.99 -7.80 2.55
C PHE A 100 -0.35 -9.15 2.85
N SER A 101 0.95 -9.14 3.10
CA SER A 101 1.63 -10.30 3.65
C SER A 101 2.68 -9.87 4.68
N ARG A 102 2.56 -10.38 5.90
CA ARG A 102 3.52 -10.02 6.95
C ARG A 102 4.09 -11.25 7.64
N THR A 103 5.41 -11.25 7.84
CA THR A 103 6.10 -12.37 8.47
C THR A 103 6.72 -11.97 9.81
N ILE A 104 6.46 -12.78 10.83
CA ILE A 104 7.04 -12.59 12.15
C ILE A 104 7.95 -13.78 12.44
N THR A 105 9.18 -13.50 12.85
CA THR A 105 10.06 -14.57 13.27
C THR A 105 9.90 -14.74 14.77
N ILE A 106 9.31 -15.86 15.16
CA ILE A 106 8.92 -16.10 16.55
C ILE A 106 10.14 -16.20 17.45
N PRO A 107 10.19 -15.36 18.51
CA PRO A 107 11.37 -15.31 19.38
C PRO A 107 11.33 -16.39 20.46
N ALA A 108 11.08 -17.62 20.05
CA ALA A 108 11.04 -18.79 20.93
C ALA A 108 10.73 -20.02 20.09
N LYS A 109 11.05 -21.20 20.61
CA LYS A 109 10.79 -22.44 19.91
C LYS A 109 9.37 -22.90 20.24
N ILE A 110 8.64 -23.33 19.21
CA ILE A 110 7.20 -23.52 19.33
C ILE A 110 6.74 -24.91 18.87
N ASP A 111 5.65 -25.40 19.46
CA ASP A 111 5.05 -26.66 19.04
C ASP A 111 4.03 -26.34 17.97
N ALA A 112 4.32 -26.76 16.73
CA ALA A 112 3.53 -26.34 15.58
C ALA A 112 2.18 -27.04 15.50
N ASP A 113 2.09 -28.25 16.03
CA ASP A 113 0.84 -28.99 16.02
C ASP A 113 -0.22 -28.30 16.89
N ARG A 114 0.24 -27.58 17.90
CA ARG A 114 -0.66 -26.95 18.87
C ARG A 114 -0.99 -25.47 18.61
N ILE A 115 -0.49 -24.93 17.49
CA ILE A 115 -0.78 -23.54 17.12
C ILE A 115 -2.25 -23.36 16.76
N GLU A 116 -2.88 -22.30 17.28
CA GLU A 116 -4.26 -22.00 16.92
C GLU A 116 -4.47 -20.54 16.49
N ALA A 117 -5.49 -20.32 15.67
CA ALA A 117 -5.83 -18.98 15.19
C ALA A 117 -7.32 -18.73 15.40
N ASN A 118 -7.66 -17.53 15.86
CA ASN A 118 -9.06 -17.15 16.08
C ASN A 118 -9.35 -15.78 15.50
N PHE A 119 -10.51 -15.63 14.86
CA PHE A 119 -10.85 -14.34 14.26
C PHE A 119 -12.12 -13.76 14.86
N SER A 120 -11.98 -12.67 15.61
CA SER A 120 -13.13 -12.06 16.26
C SER A 120 -13.07 -10.53 16.24
N ASN A 121 -14.16 -9.91 15.84
CA ASN A 121 -14.27 -8.45 15.77
C ASN A 121 -13.18 -7.81 14.90
N GLY A 122 -12.84 -8.47 13.80
CA GLY A 122 -11.82 -7.96 12.90
C GLY A 122 -10.42 -8.09 13.48
N LEU A 123 -10.31 -8.77 14.61
CA LEU A 123 -9.00 -9.01 15.21
C LEU A 123 -8.64 -10.49 15.14
N LEU A 124 -7.53 -10.78 14.48
CA LEU A 124 -7.01 -12.13 14.41
C LEU A 124 -5.99 -12.35 15.51
N THR A 125 -6.15 -13.43 16.27
CA THR A 125 -5.20 -13.78 17.31
C THR A 125 -4.63 -15.16 17.06
N VAL A 126 -3.31 -15.24 16.97
CA VAL A 126 -2.64 -16.52 16.80
C VAL A 126 -1.90 -16.87 18.08
N THR A 127 -2.18 -18.06 18.59
CA THR A 127 -1.56 -18.55 19.82
C THR A 127 -0.53 -19.62 19.51
N LEU A 128 0.67 -19.43 20.03
CA LEU A 128 1.79 -20.31 19.75
C LEU A 128 2.46 -20.78 21.04
N PRO A 129 2.03 -21.94 21.55
CA PRO A 129 2.58 -22.50 22.79
C PRO A 129 4.05 -22.88 22.64
N LYS A 130 4.88 -22.47 23.60
CA LYS A 130 6.31 -22.72 23.53
C LYS A 130 6.62 -24.16 23.95
N VAL A 131 7.62 -24.76 23.30
CA VAL A 131 8.03 -26.12 23.64
C VAL A 131 8.62 -26.19 25.04
N GLU A 132 9.29 -25.12 25.46
CA GLU A 132 9.84 -25.03 26.81
C GLU A 132 8.91 -24.18 27.65
N LYS A 133 8.21 -24.84 28.57
CA LYS A 133 7.12 -24.21 29.33
C LYS A 133 7.50 -23.68 30.71
N SER A 134 8.78 -23.80 31.07
CA SER A 134 9.22 -23.53 32.44
C SER A 134 9.48 -22.06 32.76
N GLN A 135 9.84 -21.79 34.02
CA GLN A 135 9.98 -20.40 34.46
C GLN A 135 11.45 -20.02 34.47
N THR A 136 11.89 -19.27 33.47
CA THR A 136 13.18 -18.57 33.51
C THR A 136 13.05 -17.17 34.10
N LYS A 137 11.88 -16.56 33.86
CA LYS A 137 11.67 -15.13 34.10
C LYS A 137 11.79 -14.71 35.57
N LYS A 138 12.25 -13.48 35.79
CA LYS A 138 12.37 -12.90 37.12
C LYS A 138 11.96 -11.44 37.12
N GLN A 139 11.12 -11.04 38.08
CA GLN A 139 10.87 -9.62 38.30
C GLN A 139 11.93 -9.06 39.23
N ILE A 140 12.47 -7.90 38.87
CA ILE A 140 13.48 -7.25 39.69
C ILE A 140 12.84 -6.14 40.50
N ALA A 141 12.97 -6.23 41.82
CA ALA A 141 12.42 -5.20 42.71
C ALA A 141 13.18 -3.90 42.54
N ILE A 142 12.45 -2.79 42.47
CA ILE A 142 13.07 -1.49 42.22
C ILE A 142 13.35 -0.76 43.54
N LYS A 143 14.64 -0.59 43.83
CA LYS A 143 15.07 0.09 45.05
C LYS A 143 14.83 1.59 44.98
N MET B 1 -3.30 28.99 -7.96
CA MET B 1 -2.87 28.25 -6.79
C MET B 1 -4.00 28.09 -5.79
N SER B 2 -3.96 28.89 -4.74
CA SER B 2 -5.02 28.93 -3.73
C SER B 2 -6.03 30.02 -4.07
N LEU B 3 -5.80 30.71 -5.18
CA LEU B 3 -6.74 31.69 -5.66
C LEU B 3 -7.97 31.06 -6.30
N GLN B 4 -7.92 29.75 -6.56
CA GLN B 4 -9.07 29.09 -7.17
C GLN B 4 -10.30 29.20 -6.26
N PRO B 5 -10.10 29.13 -4.92
CA PRO B 5 -11.19 29.65 -4.09
C PRO B 5 -11.13 31.17 -3.89
N PHE B 6 -11.17 31.94 -4.98
CA PHE B 6 -11.31 33.39 -4.88
C PHE B 6 -12.43 33.91 -5.79
N PHE B 7 -12.25 33.72 -7.09
CA PHE B 7 -13.23 34.17 -8.09
C PHE B 7 -14.50 33.33 -8.00
N GLY B 8 -15.46 33.56 -8.89
CA GLY B 8 -16.76 32.91 -8.80
C GLY B 8 -16.65 31.40 -8.68
N PHE B 9 -17.23 30.87 -7.60
CA PHE B 9 -17.06 29.48 -7.27
C PHE B 9 -17.91 28.59 -8.16
N PRO B 10 -17.26 27.65 -8.86
CA PRO B 10 -18.01 26.54 -9.44
C PRO B 10 -18.70 25.84 -8.27
N PRO B 11 -19.98 25.47 -8.42
CA PRO B 11 -20.72 24.79 -7.35
C PRO B 11 -19.96 23.57 -6.82
N THR B 12 -19.19 22.93 -7.70
CA THR B 12 -18.34 21.80 -7.37
C THR B 12 -17.38 22.09 -6.22
N VAL B 13 -16.69 23.23 -6.29
CA VAL B 13 -15.78 23.66 -5.23
C VAL B 13 -16.52 23.88 -3.93
N ASN B 14 -17.68 24.52 -4.02
CA ASN B 14 -18.56 24.71 -2.87
C ASN B 14 -18.94 23.36 -2.26
N ASP B 15 -18.95 22.31 -3.09
CA ASP B 15 -19.11 20.95 -2.59
C ASP B 15 -17.84 20.47 -1.91
N LEU B 16 -16.69 20.71 -2.54
CA LEU B 16 -15.38 20.31 -2.00
C LEU B 16 -15.20 20.82 -0.56
N PHE B 17 -15.62 22.06 -0.33
CA PHE B 17 -15.63 22.62 1.02
C PHE B 17 -16.63 21.90 1.93
N SER B 18 -17.76 21.47 1.37
CA SER B 18 -18.76 20.74 2.14
C SER B 18 -18.20 19.41 2.62
N ASP B 19 -17.55 18.67 1.71
CA ASP B 19 -16.90 17.41 2.04
C ASP B 19 -15.81 17.60 3.08
N PHE B 20 -14.95 18.59 2.87
CA PHE B 20 -13.90 18.89 3.82
C PHE B 20 -14.45 19.15 5.21
N VAL B 21 -15.37 20.11 5.28
CA VAL B 21 -15.88 20.58 6.56
C VAL B 21 -16.78 19.54 7.22
N SER B 22 -17.25 18.59 6.43
CA SER B 22 -18.09 17.51 6.92
C SER B 22 -17.26 16.39 7.52
N TYR B 23 -16.46 15.76 6.67
CA TYR B 23 -15.80 14.50 7.03
C TYR B 23 -14.41 14.60 7.67
N SER B 24 -13.79 15.77 7.64
CA SER B 24 -12.42 15.88 8.16
C SER B 24 -12.40 15.83 9.69
N PRO B 25 -11.62 14.89 10.25
CA PRO B 25 -11.60 14.58 11.68
C PRO B 25 -11.14 15.76 12.53
N ARG B 26 -10.21 16.54 12.00
CA ARG B 26 -9.68 17.69 12.72
C ARG B 26 -10.70 18.82 12.84
N LEU B 27 -11.68 18.83 11.95
CA LEU B 27 -12.65 19.91 11.90
C LEU B 27 -13.94 19.61 12.65
N ASN B 28 -14.01 18.43 13.27
CA ASN B 28 -15.17 18.09 14.09
C ASN B 28 -14.79 17.57 15.48
N ASN B 29 -15.09 18.36 16.50
CA ASN B 29 -15.09 17.90 17.89
C ASN B 29 -13.86 17.06 18.30
N GLN B 30 -12.67 17.50 17.91
CA GLN B 30 -11.48 16.73 18.25
C GLN B 30 -11.15 16.83 19.73
N ILE B 31 -10.74 15.71 20.32
CA ILE B 31 -10.62 15.58 21.76
C ILE B 31 -9.51 16.45 22.40
N PRO B 32 -8.29 16.46 21.83
CA PRO B 32 -7.61 15.63 20.82
C PRO B 32 -7.16 14.26 21.36
N GLY B 33 -7.12 14.11 22.68
CA GLY B 33 -6.46 12.98 23.32
C GLY B 33 -7.01 11.60 23.03
N GLU B 34 -8.11 11.52 22.28
CA GLU B 34 -8.69 10.23 21.94
C GLU B 34 -8.22 9.70 20.58
N LEU B 35 -8.75 8.55 20.21
CA LEU B 35 -8.39 7.88 18.97
C LEU B 35 -9.47 8.16 17.92
N SER B 36 -9.05 8.37 16.67
CA SER B 36 -10.01 8.62 15.59
C SER B 36 -9.99 7.50 14.56
N PRO B 37 -11.05 6.67 14.55
CA PRO B 37 -11.17 5.54 13.63
C PRO B 37 -11.24 5.95 12.16
N SER B 38 -10.66 5.13 11.29
CA SER B 38 -10.67 5.40 9.86
C SER B 38 -12.04 5.12 9.25
N ILE B 39 -12.51 6.03 8.40
CA ILE B 39 -13.83 5.90 7.81
C ILE B 39 -13.88 6.08 6.30
N ASP B 40 -14.84 5.42 5.67
CA ASP B 40 -15.17 5.64 4.27
C ASP B 40 -16.61 6.13 4.19
N VAL B 41 -16.84 7.23 3.48
CA VAL B 41 -18.19 7.73 3.30
C VAL B 41 -18.62 7.61 1.86
N HIS B 42 -19.75 6.94 1.63
CA HIS B 42 -20.29 6.78 0.29
C HIS B 42 -21.69 7.37 0.20
N GLU B 43 -21.99 8.01 -0.92
CA GLU B 43 -23.32 8.56 -1.12
C GLU B 43 -23.91 8.19 -2.48
N GLY B 44 -24.99 7.43 -2.45
CA GLY B 44 -25.80 7.23 -3.64
C GLY B 44 -26.84 8.34 -3.62
N LYS B 45 -27.63 8.46 -4.68
CA LYS B 45 -28.66 9.50 -4.73
C LYS B 45 -29.80 9.16 -3.76
N ASP B 46 -29.72 7.96 -3.17
CA ASP B 46 -30.76 7.47 -2.29
C ASP B 46 -30.33 7.42 -0.82
N THR B 47 -29.30 6.63 -0.50
CA THR B 47 -28.81 6.57 0.88
C THR B 47 -27.39 7.11 1.02
N VAL B 48 -26.89 7.13 2.26
CA VAL B 48 -25.49 7.42 2.53
C VAL B 48 -24.94 6.44 3.56
N SER B 49 -23.85 5.77 3.21
CA SER B 49 -23.27 4.76 4.07
C SER B 49 -21.92 5.18 4.63
N VAL B 50 -21.71 4.91 5.92
CA VAL B 50 -20.45 5.20 6.58
C VAL B 50 -19.82 3.92 7.12
N ASP B 51 -18.60 3.63 6.66
CA ASP B 51 -17.88 2.44 7.09
C ASP B 51 -16.74 2.81 8.03
N VAL B 52 -16.85 2.37 9.28
CA VAL B 52 -15.89 2.72 10.32
C VAL B 52 -15.11 1.48 10.76
N GLU B 53 -13.79 1.60 10.83
CA GLU B 53 -12.96 0.46 11.20
C GLU B 53 -12.75 0.37 12.71
N LEU B 54 -13.26 -0.69 13.31
CA LEU B 54 -13.14 -0.90 14.75
C LEU B 54 -12.68 -2.31 15.09
N PRO B 55 -11.45 -2.68 14.71
CA PRO B 55 -10.95 -4.02 15.04
C PRO B 55 -10.67 -4.18 16.53
N GLY B 56 -11.06 -5.31 17.09
CA GLY B 56 -10.82 -5.60 18.49
C GLY B 56 -11.79 -4.91 19.43
N VAL B 57 -12.87 -4.36 18.86
CA VAL B 57 -13.89 -3.70 19.65
C VAL B 57 -15.15 -4.56 19.73
N LYS B 58 -15.59 -4.82 20.97
CA LYS B 58 -16.80 -5.59 21.19
C LYS B 58 -18.03 -4.77 20.78
N LYS B 59 -19.07 -5.46 20.31
CA LYS B 59 -20.29 -4.78 19.87
C LYS B 59 -20.93 -4.00 21.02
N GLU B 60 -20.78 -4.51 22.24
CA GLU B 60 -21.33 -3.85 23.41
C GLU B 60 -20.58 -2.56 23.72
N ASP B 61 -19.38 -2.42 23.17
CA ASP B 61 -18.53 -1.28 23.48
C ASP B 61 -18.62 -0.14 22.47
N VAL B 62 -19.42 -0.32 21.43
CA VAL B 62 -19.61 0.74 20.44
C VAL B 62 -21.00 1.36 20.59
N GLN B 63 -21.08 2.67 20.40
CA GLN B 63 -22.37 3.35 20.35
C GLN B 63 -22.43 4.32 19.17
N VAL B 64 -23.59 4.39 18.55
CA VAL B 64 -23.83 5.28 17.42
C VAL B 64 -25.03 6.16 17.73
N HIS B 65 -24.85 7.48 17.67
CA HIS B 65 -26.00 8.36 17.79
C HIS B 65 -26.02 9.48 16.75
N TYR B 66 -27.21 10.03 16.53
CA TYR B 66 -27.41 11.08 15.54
C TYR B 66 -28.14 12.26 16.16
N ASP B 67 -27.55 13.45 16.05
CA ASP B 67 -28.21 14.66 16.52
C ASP B 67 -28.05 15.81 15.52
N SER B 68 -29.17 16.29 15.00
CA SER B 68 -29.24 17.46 14.12
C SER B 68 -28.13 17.53 13.06
N GLY B 69 -28.15 16.57 12.14
CA GLY B 69 -27.21 16.56 11.04
C GLY B 69 -25.79 16.11 11.37
N LYS B 70 -25.57 15.64 12.59
CA LYS B 70 -24.24 15.17 12.98
C LYS B 70 -24.24 13.75 13.54
N LEU B 71 -23.53 12.86 12.86
CA LEU B 71 -23.43 11.47 13.28
C LEU B 71 -22.19 11.25 14.12
N THR B 72 -22.37 10.60 15.27
CA THR B 72 -21.26 10.33 16.19
C THR B 72 -21.14 8.84 16.50
N ILE B 73 -19.94 8.31 16.29
CA ILE B 73 -19.62 6.94 16.67
C ILE B 73 -18.58 6.99 17.78
N SER B 74 -18.91 6.45 18.94
CA SER B 74 -17.97 6.50 20.06
C SER B 74 -17.87 5.16 20.79
N GLY B 75 -16.86 5.02 21.64
CA GLY B 75 -16.65 3.78 22.35
C GLY B 75 -15.25 3.66 22.94
N GLU B 76 -14.83 2.41 23.12
CA GLU B 76 -13.56 2.14 23.78
C GLU B 76 -12.82 0.99 23.09
N VAL B 77 -11.51 1.12 22.97
CA VAL B 77 -10.69 0.00 22.54
C VAL B 77 -9.83 -0.44 23.71
N VAL B 78 -10.16 -1.60 24.27
CA VAL B 78 -9.49 -2.10 25.47
C VAL B 78 -8.28 -2.94 25.09
N ASN B 79 -7.18 -2.76 25.82
CA ASN B 79 -6.02 -3.60 25.62
C ASN B 79 -6.13 -4.79 26.57
N GLU B 80 -6.38 -5.96 26.00
CA GLU B 80 -6.61 -7.16 26.78
C GLU B 80 -5.28 -7.73 27.28
N ARG B 81 -4.21 -7.32 26.62
CA ARG B 81 -2.87 -7.79 26.94
C ARG B 81 -2.14 -6.84 27.89
N LYS B 82 -2.86 -5.82 28.38
CA LYS B 82 -2.29 -4.80 29.25
C LYS B 82 -1.48 -5.37 30.42
N ASN B 83 -2.06 -6.33 31.15
CA ASN B 83 -1.36 -6.94 32.27
C ASN B 83 -0.16 -7.76 31.82
N GLU B 84 -0.27 -8.37 30.64
CA GLU B 84 0.85 -9.10 30.06
C GLU B 84 2.02 -8.15 29.82
N SER B 85 1.73 -6.98 29.25
CA SER B 85 2.74 -5.96 29.03
C SER B 85 3.30 -5.47 30.36
N THR B 86 2.43 -5.44 31.37
CA THR B 86 2.83 -5.01 32.70
C THR B 86 3.74 -6.06 33.35
N GLU B 87 3.65 -7.30 32.86
CA GLU B 87 4.47 -8.38 33.36
C GLU B 87 5.77 -8.53 32.56
N GLY B 88 5.97 -7.65 31.58
CA GLY B 88 7.17 -7.66 30.77
C GLY B 88 7.07 -8.61 29.59
N ASN B 89 5.86 -8.90 29.14
CA ASN B 89 5.64 -9.85 28.07
C ASN B 89 5.65 -9.23 26.66
N GLN B 90 5.62 -7.91 26.57
CA GLN B 90 5.49 -7.26 25.27
C GLN B 90 6.74 -7.37 24.40
N ARG B 91 6.53 -7.74 23.15
CA ARG B 91 7.61 -7.79 22.17
C ARG B 91 7.47 -6.71 21.10
N TRP B 92 6.38 -6.75 20.35
CA TRP B 92 6.12 -5.74 19.32
C TRP B 92 4.75 -5.11 19.52
N SER B 93 4.68 -3.78 19.49
CA SER B 93 3.39 -3.11 19.60
C SER B 93 3.12 -2.07 18.51
N GLU B 94 2.21 -2.37 17.59
CA GLU B 94 1.65 -1.38 16.69
C GLU B 94 0.26 -0.87 17.08
N ARG B 95 -0.39 -1.53 18.03
CA ARG B 95 -1.79 -1.25 18.31
C ARG B 95 -1.99 -0.08 19.26
N ARG B 96 -3.03 0.71 18.98
CA ARG B 96 -3.35 1.87 19.81
C ARG B 96 -4.64 1.62 20.56
N PHE B 97 -4.63 1.86 21.87
CA PHE B 97 -5.79 1.58 22.71
C PHE B 97 -6.29 2.82 23.44
N GLY B 98 -7.58 2.81 23.77
CA GLY B 98 -8.18 3.91 24.49
C GLY B 98 -9.63 4.11 24.09
N SER B 99 -10.18 5.26 24.44
CA SER B 99 -11.52 5.62 24.03
C SER B 99 -11.48 6.29 22.65
N PHE B 100 -12.46 6.00 21.81
CA PHE B 100 -12.53 6.62 20.50
C PHE B 100 -13.84 7.39 20.31
N SER B 101 -13.75 8.50 19.61
CA SER B 101 -14.93 9.24 19.19
C SER B 101 -14.72 9.84 17.82
N ARG B 102 -15.71 9.69 16.95
CA ARG B 102 -15.65 10.25 15.61
C ARG B 102 -16.98 10.90 15.27
N THR B 103 -16.95 12.20 15.01
CA THR B 103 -18.15 12.94 14.65
C THR B 103 -18.01 13.48 13.22
N ILE B 104 -19.01 13.19 12.39
CA ILE B 104 -19.06 13.78 11.06
C ILE B 104 -20.37 14.49 10.84
N THR B 105 -20.31 15.67 10.22
CA THR B 105 -21.51 16.39 9.86
C THR B 105 -21.97 15.88 8.50
N ILE B 106 -23.17 15.31 8.44
CA ILE B 106 -23.67 14.79 7.18
C ILE B 106 -24.36 15.86 6.35
N PRO B 107 -23.90 16.08 5.11
CA PRO B 107 -24.41 17.14 4.25
C PRO B 107 -25.59 16.68 3.41
N ALA B 108 -26.61 16.11 4.06
CA ALA B 108 -27.80 15.67 3.35
C ALA B 108 -28.98 15.58 4.32
N LYS B 109 -30.18 15.62 3.78
CA LYS B 109 -31.39 15.45 4.58
C LYS B 109 -31.74 13.97 4.68
N ILE B 110 -31.76 13.46 5.90
CA ILE B 110 -32.02 12.04 6.12
C ILE B 110 -33.20 11.83 7.06
N ASP B 111 -33.74 10.62 7.04
CA ASP B 111 -34.78 10.27 8.00
C ASP B 111 -34.09 9.64 9.20
N ALA B 112 -34.11 10.35 10.32
CA ALA B 112 -33.36 9.97 11.51
C ALA B 112 -33.82 8.63 12.08
N ASP B 113 -35.14 8.42 12.09
CA ASP B 113 -35.71 7.22 12.69
C ASP B 113 -35.51 5.98 11.83
N ARG B 114 -35.07 6.17 10.59
CA ARG B 114 -34.74 5.04 9.72
C ARG B 114 -33.24 4.72 9.69
N ILE B 115 -32.46 5.43 10.49
CA ILE B 115 -31.03 5.14 10.60
C ILE B 115 -30.80 3.79 11.28
N GLU B 116 -30.01 2.94 10.63
CA GLU B 116 -29.69 1.62 11.18
C GLU B 116 -28.19 1.31 11.03
N ALA B 117 -27.66 0.52 11.95
CA ALA B 117 -26.22 0.24 11.99
C ALA B 117 -25.91 -1.24 12.15
N ASN B 118 -25.02 -1.75 11.30
CA ASN B 118 -24.61 -3.14 11.34
C ASN B 118 -23.13 -3.31 11.62
N PHE B 119 -22.80 -4.05 12.68
CA PHE B 119 -21.39 -4.23 13.05
C PHE B 119 -20.92 -5.66 12.82
N SER B 120 -20.00 -5.84 11.89
CA SER B 120 -19.45 -7.16 11.61
C SER B 120 -17.98 -7.13 11.22
N ASN B 121 -17.23 -8.10 11.74
CA ASN B 121 -15.80 -8.23 11.45
C ASN B 121 -15.00 -6.95 11.68
N GLY B 122 -15.27 -6.27 12.79
CA GLY B 122 -14.55 -5.07 13.13
C GLY B 122 -14.93 -3.87 12.29
N LEU B 123 -15.89 -4.05 11.38
CA LEU B 123 -16.37 -2.93 10.57
C LEU B 123 -17.80 -2.56 10.94
N LEU B 124 -18.00 -1.30 11.27
CA LEU B 124 -19.32 -0.77 11.59
C LEU B 124 -19.86 0.03 10.42
N THR B 125 -20.98 -0.42 9.87
CA THR B 125 -21.61 0.28 8.76
C THR B 125 -22.90 0.95 9.19
N VAL B 126 -22.91 2.28 9.13
CA VAL B 126 -24.11 3.05 9.41
C VAL B 126 -24.78 3.43 8.09
N THR B 127 -26.10 3.31 8.05
CA THR B 127 -26.85 3.64 6.84
C THR B 127 -27.91 4.70 7.10
N LEU B 128 -27.75 5.85 6.47
CA LEU B 128 -28.69 6.95 6.62
C LEU B 128 -29.44 7.19 5.32
N PRO B 129 -30.74 6.86 5.30
CA PRO B 129 -31.55 7.05 4.08
C PRO B 129 -31.82 8.53 3.83
N LYS B 130 -31.63 8.98 2.59
CA LYS B 130 -31.90 10.37 2.26
C LYS B 130 -33.32 10.56 1.74
N VAL B 131 -33.97 11.61 2.20
CA VAL B 131 -35.27 12.00 1.66
C VAL B 131 -35.12 13.35 0.95
N GLU B 132 -35.76 13.48 -0.21
CA GLU B 132 -35.66 14.73 -0.98
C GLU B 132 -36.26 15.90 -0.22
N LYS B 133 -37.53 15.76 0.17
CA LYS B 133 -38.22 16.82 0.88
C LYS B 133 -37.99 16.65 2.36
N SER B 134 -37.44 17.69 3.00
CA SER B 134 -37.22 17.66 4.43
C SER B 134 -38.54 17.61 5.20
N GLN B 135 -38.62 16.70 6.13
CA GLN B 135 -39.83 16.54 6.94
C GLN B 135 -39.70 17.35 8.22
N THR B 136 -38.51 17.90 8.44
CA THR B 136 -38.24 18.76 9.60
C THR B 136 -38.27 20.27 9.35
N LYS B 137 -38.64 20.68 8.12
CA LYS B 137 -38.41 22.06 7.65
C LYS B 137 -38.83 23.22 8.56
N LYS B 138 -40.08 23.23 9.02
CA LYS B 138 -40.50 24.17 10.07
C LYS B 138 -40.34 25.67 9.76
N GLN B 139 -41.21 26.23 8.92
CA GLN B 139 -41.24 27.68 8.73
C GLN B 139 -41.55 28.42 10.04
N ILE B 140 -40.94 29.59 10.20
CA ILE B 140 -41.12 30.37 11.42
C ILE B 140 -41.79 31.73 11.15
N ALA B 141 -42.94 31.94 11.79
CA ALA B 141 -43.68 33.19 11.67
C ALA B 141 -42.89 34.33 12.28
N ILE B 142 -42.76 35.42 11.53
CA ILE B 142 -41.97 36.57 11.95
C ILE B 142 -42.82 37.60 12.69
N LYS B 143 -42.36 38.02 13.87
CA LYS B 143 -42.98 39.12 14.59
C LYS B 143 -42.29 40.43 14.21
N ASN C 14 10.57 28.83 -17.95
CA ASN C 14 10.00 29.97 -18.66
C ASN C 14 8.53 30.18 -18.33
N ASP C 15 8.28 30.78 -17.16
CA ASP C 15 6.95 30.91 -16.58
C ASP C 15 6.25 29.56 -16.58
N LEU C 16 7.03 28.51 -16.38
CA LEU C 16 6.59 27.22 -16.86
C LEU C 16 6.02 26.34 -15.77
N PHE C 17 4.70 26.21 -15.79
CA PHE C 17 4.00 25.21 -15.02
C PHE C 17 3.67 24.04 -15.94
N SER C 18 3.97 24.20 -17.22
CA SER C 18 3.55 23.25 -18.25
C SER C 18 4.10 21.85 -18.00
N ASP C 19 5.37 21.78 -17.61
CA ASP C 19 5.97 20.53 -17.18
C ASP C 19 5.17 19.94 -16.03
N PHE C 20 4.70 20.79 -15.11
CA PHE C 20 3.96 20.29 -13.95
C PHE C 20 2.62 19.69 -14.37
N VAL C 21 1.78 20.45 -15.07
CA VAL C 21 0.49 19.92 -15.54
C VAL C 21 0.67 18.64 -16.36
N SER C 22 1.66 18.67 -17.25
CA SER C 22 1.98 17.51 -18.06
C SER C 22 2.32 16.27 -17.24
N TYR C 23 3.47 16.34 -16.57
CA TYR C 23 4.12 15.19 -15.94
C TYR C 23 3.57 14.76 -14.57
N SER C 24 3.22 15.73 -13.73
CA SER C 24 2.78 15.44 -12.37
C SER C 24 1.67 14.40 -12.33
N PRO C 25 1.83 13.38 -11.48
CA PRO C 25 1.01 12.16 -11.51
C PRO C 25 -0.49 12.40 -11.33
N ARG C 26 -0.88 13.21 -10.34
CA ARG C 26 -2.28 13.28 -9.94
C ARG C 26 -3.11 14.36 -10.64
N LEU C 27 -2.49 15.13 -11.52
CA LEU C 27 -3.23 16.04 -12.39
C LEU C 27 -3.80 15.27 -13.57
N ASN C 28 -3.21 14.11 -13.81
CA ASN C 28 -3.54 13.25 -14.93
C ASN C 28 -4.59 12.19 -14.56
N ASN C 29 -5.14 12.33 -13.36
CA ASN C 29 -6.16 11.42 -12.80
C ASN C 29 -5.73 9.97 -12.60
N GLN C 30 -4.84 9.79 -11.62
CA GLN C 30 -4.41 8.47 -11.18
C GLN C 30 -5.56 7.67 -10.58
N ILE C 31 -5.60 6.38 -10.88
N ILE C 31 -5.57 6.37 -10.86
CA ILE C 31 -6.71 5.53 -10.47
CA ILE C 31 -6.40 5.42 -10.12
C ILE C 31 -6.32 4.65 -9.29
C ILE C 31 -5.66 5.10 -8.83
N PRO C 32 -6.98 4.84 -8.14
N PRO C 32 -6.46 4.85 -7.82
CA PRO C 32 -6.69 4.05 -6.94
CA PRO C 32 -6.06 4.89 -6.42
C PRO C 32 -6.84 2.56 -7.20
C PRO C 32 -4.96 3.91 -6.13
N GLY C 33 -5.83 1.79 -6.81
N GLY C 33 -3.88 4.38 -5.52
CA GLY C 33 -5.77 0.38 -7.16
CA GLY C 33 -2.65 3.58 -5.44
C GLY C 33 -4.72 0.15 -8.22
C GLY C 33 -1.30 4.27 -5.32
N GLU C 34 -4.24 1.24 -8.82
N GLU C 34 -0.25 3.45 -5.33
CA GLU C 34 -3.21 1.19 -9.83
CA GLU C 34 1.12 3.86 -4.97
C GLU C 34 -1.91 1.80 -9.31
C GLU C 34 2.34 3.66 -5.91
N LEU C 35 -0.80 1.08 -9.53
N LEU C 35 3.46 4.21 -5.49
CA LEU C 35 0.51 1.57 -9.11
CA LEU C 35 4.52 4.61 -6.36
C LEU C 35 0.99 2.68 -10.06
C LEU C 35 5.36 3.46 -6.87
N SER C 36 1.82 3.58 -9.54
N SER C 36 6.41 3.89 -7.57
CA SER C 36 2.36 4.66 -10.34
CA SER C 36 7.26 3.14 -8.49
C SER C 36 3.86 4.52 -10.54
C SER C 36 6.91 3.33 -9.99
N PRO C 37 4.29 4.15 -11.75
N PRO C 37 5.75 3.90 -10.38
CA PRO C 37 5.70 3.95 -12.09
CA PRO C 37 5.71 4.04 -11.84
C PRO C 37 6.49 5.26 -12.09
C PRO C 37 6.62 5.21 -12.20
N SER C 38 7.80 5.17 -11.87
N SER C 38 7.89 5.12 -11.84
CA SER C 38 8.68 6.32 -11.91
CA SER C 38 8.79 6.27 -11.94
C SER C 38 9.03 6.68 -13.35
C SER C 38 9.08 6.68 -13.38
N ILE C 39 9.21 7.97 -13.61
CA ILE C 39 9.38 8.49 -14.98
C ILE C 39 10.41 9.61 -15.11
N ASP C 40 11.27 9.51 -16.12
CA ASP C 40 12.15 10.62 -16.49
C ASP C 40 11.77 11.13 -17.88
N VAL C 41 11.59 12.44 -18.01
CA VAL C 41 11.23 13.02 -19.30
C VAL C 41 12.30 13.98 -19.82
N HIS C 42 12.90 13.63 -20.96
CA HIS C 42 13.91 14.49 -21.57
C HIS C 42 13.45 14.94 -22.94
N GLU C 43 13.16 16.23 -23.10
CA GLU C 43 12.78 16.73 -24.42
C GLU C 43 14.01 17.24 -25.18
N GLY C 44 14.16 16.81 -26.42
CA GLY C 44 15.29 17.23 -27.22
C GLY C 44 14.91 18.44 -28.05
N LYS C 45 15.73 18.76 -29.03
CA LYS C 45 15.34 19.76 -30.01
C LYS C 45 14.32 19.14 -30.97
N ASP C 46 14.63 17.95 -31.48
CA ASP C 46 13.74 17.24 -32.40
C ASP C 46 12.76 16.23 -31.79
N THR C 47 12.89 15.90 -30.51
CA THR C 47 12.05 14.85 -29.93
C THR C 47 11.82 14.94 -28.42
N VAL C 48 11.02 14.03 -27.88
CA VAL C 48 10.81 13.94 -26.44
C VAL C 48 10.82 12.49 -25.94
N SER C 49 11.66 12.19 -24.96
CA SER C 49 11.83 10.81 -24.54
C SER C 49 11.32 10.58 -23.12
N VAL C 50 10.49 9.56 -22.95
CA VAL C 50 9.97 9.20 -21.63
C VAL C 50 10.49 7.83 -21.19
N ASP C 51 11.36 7.85 -20.19
CA ASP C 51 11.91 6.63 -19.61
C ASP C 51 11.09 6.20 -18.40
N VAL C 52 10.57 4.98 -18.46
CA VAL C 52 9.68 4.46 -17.42
C VAL C 52 10.29 3.21 -16.78
N GLU C 53 10.38 3.20 -15.45
CA GLU C 53 10.94 2.06 -14.74
C GLU C 53 9.89 0.99 -14.50
N LEU C 54 10.14 -0.20 -15.04
CA LEU C 54 9.20 -1.31 -14.92
C LEU C 54 9.91 -2.64 -14.69
N PRO C 55 10.58 -2.78 -13.53
CA PRO C 55 11.25 -4.06 -13.26
C PRO C 55 10.27 -5.20 -12.98
N GLY C 56 10.56 -6.39 -13.50
CA GLY C 56 9.79 -7.57 -13.18
C GLY C 56 8.50 -7.78 -13.94
N VAL C 57 8.24 -6.93 -14.92
CA VAL C 57 7.04 -7.08 -15.75
C VAL C 57 7.39 -7.51 -17.17
N LYS C 58 6.71 -8.55 -17.66
CA LYS C 58 6.95 -9.06 -19.00
C LYS C 58 6.55 -8.04 -20.05
N LYS C 59 7.21 -8.08 -21.20
CA LYS C 59 6.94 -7.14 -22.29
C LYS C 59 5.49 -7.19 -22.75
N GLU C 60 4.86 -8.36 -22.59
CA GLU C 60 3.47 -8.54 -23.01
C GLU C 60 2.49 -8.05 -21.95
N ASP C 61 3.00 -7.65 -20.80
CA ASP C 61 2.15 -7.17 -19.72
C ASP C 61 2.00 -5.65 -19.70
N VAL C 62 2.66 -4.97 -20.63
CA VAL C 62 2.62 -3.51 -20.67
C VAL C 62 2.08 -2.97 -21.99
N GLN C 63 1.10 -2.06 -21.88
CA GLN C 63 0.53 -1.41 -23.06
C GLN C 63 0.83 0.08 -23.07
N VAL C 64 1.18 0.58 -24.26
CA VAL C 64 1.44 1.99 -24.45
C VAL C 64 0.43 2.57 -25.44
N HIS C 65 -0.42 3.47 -24.96
CA HIS C 65 -1.42 4.11 -25.82
C HIS C 65 -1.15 5.60 -25.94
N TYR C 66 -1.45 6.16 -27.10
CA TYR C 66 -1.34 7.60 -27.27
C TYR C 66 -2.62 8.22 -27.81
N ASP C 67 -3.21 9.12 -27.04
CA ASP C 67 -4.45 9.75 -27.47
C ASP C 67 -4.53 11.23 -27.12
N SER C 68 -4.89 12.05 -28.11
CA SER C 68 -5.18 13.48 -27.90
C SER C 68 -4.11 14.21 -27.11
N GLY C 69 -2.85 13.82 -27.33
CA GLY C 69 -1.75 14.43 -26.63
C GLY C 69 -1.43 13.78 -25.30
N LYS C 70 -2.15 12.71 -24.99
CA LYS C 70 -1.97 12.03 -23.70
C LYS C 70 -1.41 10.62 -23.81
N LEU C 71 -0.19 10.44 -23.31
CA LEU C 71 0.47 9.14 -23.30
C LEU C 71 0.05 8.34 -22.07
N THR C 72 -0.36 7.10 -22.29
CA THR C 72 -0.83 6.24 -21.21
C THR C 72 -0.10 4.90 -21.18
N ILE C 73 0.63 4.65 -20.10
CA ILE C 73 1.31 3.38 -19.91
C ILE C 73 0.55 2.55 -18.87
N SER C 74 0.22 1.31 -19.23
CA SER C 74 -0.61 0.50 -18.36
C SER C 74 -0.14 -0.95 -18.30
N GLY C 75 -0.66 -1.69 -17.32
CA GLY C 75 -0.35 -3.11 -17.23
C GLY C 75 -0.44 -3.74 -15.86
N GLU C 76 0.25 -4.87 -15.70
CA GLU C 76 0.21 -5.63 -14.46
C GLU C 76 1.59 -6.11 -14.03
N VAL C 77 2.03 -5.69 -12.85
CA VAL C 77 3.22 -6.27 -12.25
C VAL C 77 2.79 -7.51 -11.50
N VAL C 78 3.35 -8.65 -11.90
CA VAL C 78 2.92 -9.93 -11.33
C VAL C 78 3.90 -10.49 -10.32
N ASN C 79 3.38 -11.03 -9.23
CA ASN C 79 4.19 -11.79 -8.30
C ASN C 79 4.10 -13.24 -8.77
N GLU C 80 5.23 -13.77 -9.24
CA GLU C 80 5.26 -15.12 -9.78
C GLU C 80 5.14 -16.15 -8.68
N ARG C 81 5.33 -15.67 -7.45
CA ARG C 81 5.29 -16.53 -6.27
C ARG C 81 3.91 -16.55 -5.63
N LYS C 82 2.96 -15.89 -6.29
CA LYS C 82 1.58 -15.75 -5.79
C LYS C 82 0.87 -17.06 -5.43
N ASN C 83 1.26 -18.17 -6.06
CA ASN C 83 0.39 -19.34 -6.11
C ASN C 83 0.25 -20.04 -4.75
N GLU C 84 -0.54 -21.10 -4.70
CA GLU C 84 -0.83 -21.76 -3.43
C GLU C 84 0.30 -22.68 -2.95
N SER C 85 0.99 -23.32 -3.89
CA SER C 85 2.14 -24.16 -3.56
C SER C 85 3.12 -23.42 -2.65
N THR C 86 3.41 -22.16 -3.01
CA THR C 86 4.26 -21.31 -2.20
C THR C 86 3.44 -20.29 -1.43
N GLU C 87 3.38 -20.43 -0.10
CA GLU C 87 2.57 -19.54 0.73
C GLU C 87 3.33 -18.94 1.91
N GLY C 88 3.74 -19.79 2.84
CA GLY C 88 4.46 -19.34 4.02
C GLY C 88 5.92 -19.09 3.70
N ASN C 89 6.22 -19.03 2.41
CA ASN C 89 7.58 -18.88 1.93
C ASN C 89 8.11 -17.45 1.94
N GLN C 90 7.22 -16.47 2.07
CA GLN C 90 7.65 -15.08 2.16
C GLN C 90 8.46 -14.83 3.43
N ARG C 91 9.55 -14.10 3.28
CA ARG C 91 10.42 -13.77 4.41
C ARG C 91 10.50 -12.25 4.55
N TRP C 92 11.04 -11.61 3.53
CA TRP C 92 11.17 -10.16 3.50
C TRP C 92 10.46 -9.62 2.26
N SER C 93 9.55 -8.66 2.43
CA SER C 93 8.88 -8.09 1.25
C SER C 93 8.94 -6.58 1.16
N GLU C 94 9.73 -6.08 0.21
CA GLU C 94 9.69 -4.68 -0.21
C GLU C 94 8.94 -4.37 -1.51
N ARG C 95 8.44 -5.39 -2.19
CA ARG C 95 7.98 -5.20 -3.56
C ARG C 95 6.47 -5.01 -3.67
N ARG C 96 6.07 -4.15 -4.60
CA ARG C 96 4.66 -3.88 -4.85
C ARG C 96 4.21 -4.53 -6.14
N PHE C 97 3.08 -5.24 -6.07
CA PHE C 97 2.55 -5.94 -7.24
C PHE C 97 1.14 -5.45 -7.55
N GLY C 98 0.52 -6.05 -8.56
CA GLY C 98 -0.80 -5.66 -8.98
C GLY C 98 -0.78 -4.78 -10.21
N SER C 99 -1.92 -4.16 -10.51
CA SER C 99 -2.07 -3.34 -11.71
C SER C 99 -1.43 -1.97 -11.57
N PHE C 100 -0.95 -1.45 -12.70
CA PHE C 100 -0.39 -0.09 -12.75
C PHE C 100 -0.90 0.66 -13.96
N SER C 101 -1.27 1.92 -13.77
CA SER C 101 -1.63 2.78 -14.88
C SER C 101 -1.16 4.21 -14.63
N ARG C 102 -0.55 4.82 -15.63
CA ARG C 102 -0.14 6.22 -15.52
C ARG C 102 -0.31 6.96 -16.85
N THR C 103 -0.85 8.18 -16.76
CA THR C 103 -1.01 9.03 -17.93
C THR C 103 -0.16 10.31 -17.79
N ILE C 104 0.43 10.77 -18.88
CA ILE C 104 1.24 11.98 -18.89
C ILE C 104 0.90 12.77 -20.15
N THR C 105 0.75 14.09 -19.99
CA THR C 105 0.44 14.96 -21.12
C THR C 105 1.72 15.43 -21.79
N ILE C 106 1.76 15.39 -23.13
CA ILE C 106 2.93 15.85 -23.86
C ILE C 106 2.72 17.26 -24.42
N PRO C 107 3.46 18.24 -23.88
CA PRO C 107 3.37 19.65 -24.28
C PRO C 107 3.71 19.86 -25.75
N ALA C 108 4.77 19.22 -26.23
CA ALA C 108 5.26 19.44 -27.59
C ALA C 108 4.31 18.98 -28.71
N LYS C 109 4.45 19.59 -29.88
CA LYS C 109 3.75 19.11 -31.06
C LYS C 109 4.49 17.87 -31.53
N ILE C 110 3.77 16.77 -31.73
CA ILE C 110 4.42 15.51 -32.08
C ILE C 110 3.73 14.74 -33.19
N ASP C 111 4.44 13.77 -33.76
CA ASP C 111 3.90 12.92 -34.80
C ASP C 111 3.35 11.64 -34.17
N ALA C 112 2.04 11.47 -34.24
CA ALA C 112 1.34 10.39 -33.54
C ALA C 112 1.58 9.03 -34.20
N ASP C 113 1.84 9.04 -35.51
CA ASP C 113 2.12 7.82 -36.25
C ASP C 113 3.58 7.36 -36.17
N ARG C 114 4.47 8.26 -35.74
CA ARG C 114 5.90 7.98 -35.67
C ARG C 114 6.33 7.52 -34.28
N ILE C 115 5.36 7.38 -33.40
CA ILE C 115 5.58 7.03 -32.01
C ILE C 115 5.88 5.53 -31.82
N GLU C 116 7.01 5.23 -31.19
CA GLU C 116 7.40 3.84 -30.91
C GLU C 116 8.00 3.65 -29.51
N ALA C 117 8.01 2.40 -29.05
CA ALA C 117 8.47 2.08 -27.69
C ALA C 117 9.58 1.03 -27.67
N ASN C 118 10.40 1.06 -26.63
CA ASN C 118 11.53 0.14 -26.47
C ASN C 118 11.69 -0.37 -25.06
N PHE C 119 11.68 -1.70 -24.88
CA PHE C 119 11.80 -2.27 -23.54
C PHE C 119 13.13 -2.96 -23.34
N SER C 120 13.99 -2.38 -22.50
CA SER C 120 15.30 -2.97 -22.21
C SER C 120 15.66 -2.88 -20.74
N ASN C 121 16.03 -4.02 -20.14
CA ASN C 121 16.40 -4.08 -18.72
C ASN C 121 15.37 -3.49 -17.78
N GLY C 122 14.09 -3.79 -18.02
CA GLY C 122 13.01 -3.27 -17.20
C GLY C 122 12.82 -1.78 -17.34
N LEU C 123 13.48 -1.18 -18.34
CA LEU C 123 13.33 0.23 -18.62
C LEU C 123 12.66 0.42 -19.97
N LEU C 124 11.47 1.04 -19.96
CA LEU C 124 10.70 1.28 -21.16
C LEU C 124 10.83 2.74 -21.66
N THR C 125 11.48 2.89 -22.81
CA THR C 125 11.71 4.18 -23.46
C THR C 125 10.66 4.45 -24.55
N VAL C 126 9.88 5.50 -24.35
CA VAL C 126 8.94 5.94 -25.38
C VAL C 126 9.45 7.25 -25.99
N THR C 127 9.84 7.21 -27.26
CA THR C 127 10.46 8.36 -27.94
C THR C 127 9.54 9.05 -28.95
N LEU C 128 9.06 10.25 -28.61
CA LEU C 128 8.04 10.93 -29.41
C LEU C 128 8.59 12.05 -30.27
N PRO C 129 8.61 11.83 -31.61
CA PRO C 129 9.17 12.80 -32.58
C PRO C 129 8.35 14.09 -32.63
N LYS C 130 9.04 15.21 -32.53
CA LYS C 130 8.41 16.53 -32.63
C LYS C 130 8.18 17.00 -34.06
N VAL C 131 7.20 17.87 -34.25
CA VAL C 131 7.01 18.53 -35.53
C VAL C 131 7.07 20.05 -35.36
N GLU C 132 7.50 20.76 -36.41
CA GLU C 132 7.52 22.21 -36.40
C GLU C 132 6.08 22.74 -36.46
N LYS C 133 5.25 22.06 -37.23
CA LYS C 133 3.87 22.48 -37.42
C LYS C 133 2.90 21.33 -37.16
N SER C 134 1.89 21.59 -36.35
CA SER C 134 0.87 20.59 -36.06
C SER C 134 0.17 20.14 -37.34
N GLN C 135 0.16 18.83 -37.57
CA GLN C 135 -0.64 18.25 -38.63
C GLN C 135 -2.04 18.11 -38.06
N THR C 136 -2.10 18.24 -36.73
CA THR C 136 -3.32 18.02 -35.97
C THR C 136 -4.16 19.27 -35.74
N LYS C 137 -3.64 20.45 -36.10
CA LYS C 137 -4.36 21.70 -35.80
C LYS C 137 -5.62 21.82 -36.66
N LYS C 138 -6.76 22.01 -36.00
CA LYS C 138 -8.04 22.09 -36.68
C LYS C 138 -8.69 23.47 -36.55
N GLN C 139 -8.78 24.19 -37.67
CA GLN C 139 -9.41 25.49 -37.68
C GLN C 139 -10.94 25.32 -37.71
N ILE C 140 -11.66 26.22 -37.03
CA ILE C 140 -13.09 26.01 -36.77
C ILE C 140 -13.95 27.09 -37.42
N ALA C 141 -15.21 26.75 -37.68
CA ALA C 141 -16.15 27.53 -38.47
C ALA C 141 -16.29 29.02 -38.13
N ILE C 142 -16.81 29.31 -36.94
CA ILE C 142 -17.29 30.65 -36.59
C ILE C 142 -18.39 31.10 -37.54
N LYS C 143 -19.55 30.47 -37.41
CA LYS C 143 -20.74 30.88 -38.14
C LYS C 143 -21.76 31.53 -37.20
N GLU D 34 22.37 7.20 -1.94
CA GLU D 34 21.01 7.44 -1.48
C GLU D 34 20.00 6.81 -2.45
N LEU D 35 20.38 5.66 -2.98
CA LEU D 35 19.48 4.86 -3.81
C LEU D 35 19.41 3.44 -3.25
N SER D 36 18.22 3.01 -2.85
CA SER D 36 18.04 1.64 -2.40
C SER D 36 17.07 0.84 -3.28
N PRO D 37 17.60 -0.15 -4.01
CA PRO D 37 16.76 -1.00 -4.85
C PRO D 37 15.87 -1.92 -4.01
N SER D 38 14.62 -2.06 -4.43
CA SER D 38 13.65 -2.87 -3.69
C SER D 38 14.02 -4.35 -3.72
N ILE D 39 13.82 -5.03 -2.59
CA ILE D 39 14.25 -6.42 -2.45
C ILE D 39 13.20 -7.32 -1.80
N ASP D 40 12.91 -8.47 -2.42
CA ASP D 40 12.04 -9.48 -1.83
C ASP D 40 12.87 -10.71 -1.49
N VAL D 41 12.49 -11.42 -0.43
CA VAL D 41 13.17 -12.64 -0.05
C VAL D 41 12.15 -13.74 0.23
N HIS D 42 12.33 -14.89 -0.43
CA HIS D 42 11.44 -16.03 -0.22
C HIS D 42 12.23 -17.29 0.09
N GLU D 43 11.60 -18.24 0.78
CA GLU D 43 12.29 -19.46 1.19
C GLU D 43 11.44 -20.71 0.96
N GLY D 44 11.94 -21.62 0.12
CA GLY D 44 11.23 -22.85 -0.17
C GLY D 44 11.84 -24.04 0.53
N LYS D 45 11.44 -25.24 0.11
CA LYS D 45 11.97 -26.47 0.69
C LYS D 45 13.47 -26.58 0.46
N ASP D 46 13.87 -26.56 -0.81
CA ASP D 46 15.28 -26.63 -1.18
C ASP D 46 15.92 -25.28 -1.52
N THR D 47 15.13 -24.22 -1.51
CA THR D 47 15.59 -22.98 -2.14
C THR D 47 15.29 -21.69 -1.38
N VAL D 48 16.26 -20.78 -1.40
CA VAL D 48 16.06 -19.41 -0.93
C VAL D 48 16.28 -18.47 -2.12
N SER D 49 15.26 -17.70 -2.47
CA SER D 49 15.36 -16.80 -3.62
C SER D 49 15.29 -15.34 -3.23
N VAL D 50 16.13 -14.53 -3.86
CA VAL D 50 16.21 -13.10 -3.58
C VAL D 50 15.98 -12.26 -4.83
N ASP D 51 14.94 -11.43 -4.80
CA ASP D 51 14.63 -10.54 -5.91
C ASP D 51 15.10 -9.12 -5.63
N VAL D 52 15.73 -8.51 -6.64
CA VAL D 52 16.23 -7.16 -6.57
C VAL D 52 15.68 -6.39 -7.77
N GLU D 53 15.17 -5.19 -7.54
CA GLU D 53 14.66 -4.38 -8.64
C GLU D 53 15.76 -3.46 -9.15
N LEU D 54 16.18 -3.70 -10.40
CA LEU D 54 17.26 -2.94 -11.00
C LEU D 54 16.94 -2.52 -12.43
N PRO D 55 15.91 -1.67 -12.60
CA PRO D 55 15.54 -1.22 -13.95
C PRO D 55 16.59 -0.28 -14.53
N GLY D 56 16.91 -0.47 -15.81
CA GLY D 56 17.86 0.38 -16.50
C GLY D 56 19.30 0.14 -16.09
N VAL D 57 19.54 -0.98 -15.41
CA VAL D 57 20.89 -1.33 -14.97
C VAL D 57 21.49 -2.38 -15.90
N LYS D 58 22.71 -2.12 -16.36
CA LYS D 58 23.43 -3.07 -17.20
C LYS D 58 23.86 -4.29 -16.38
N LYS D 59 23.78 -5.47 -16.97
CA LYS D 59 24.17 -6.72 -16.32
C LYS D 59 25.60 -6.63 -15.81
N GLU D 60 26.45 -5.97 -16.60
CA GLU D 60 27.86 -5.80 -16.27
C GLU D 60 28.06 -4.92 -15.04
N ASP D 61 27.10 -4.05 -14.75
CA ASP D 61 27.24 -3.05 -13.70
C ASP D 61 26.91 -3.55 -12.30
N VAL D 62 26.31 -4.73 -12.20
CA VAL D 62 25.92 -5.27 -10.91
C VAL D 62 26.73 -6.51 -10.50
N GLN D 63 27.14 -6.56 -9.25
CA GLN D 63 27.92 -7.68 -8.74
C GLN D 63 27.19 -8.43 -7.62
N VAL D 64 27.25 -9.76 -7.69
CA VAL D 64 26.65 -10.61 -6.67
C VAL D 64 27.73 -11.39 -5.94
N HIS D 65 27.75 -11.29 -4.62
CA HIS D 65 28.76 -11.98 -3.82
C HIS D 65 28.14 -12.76 -2.67
N TYR D 66 28.74 -13.90 -2.34
CA TYR D 66 28.28 -14.68 -1.20
C TYR D 66 29.44 -15.02 -0.26
N ASP D 67 29.36 -14.54 0.97
CA ASP D 67 30.41 -14.80 1.95
C ASP D 67 29.84 -15.24 3.30
N SER D 68 30.11 -16.49 3.66
CA SER D 68 29.74 -17.03 4.98
C SER D 68 28.30 -16.74 5.44
N GLY D 69 27.33 -16.89 4.55
CA GLY D 69 25.94 -16.63 4.90
C GLY D 69 25.47 -15.24 4.56
N LYS D 70 26.39 -14.39 4.11
CA LYS D 70 26.05 -13.03 3.70
C LYS D 70 25.99 -12.90 2.18
N LEU D 71 24.82 -12.57 1.66
CA LEU D 71 24.66 -12.33 0.23
C LEU D 71 24.61 -10.83 -0.06
N THR D 72 25.62 -10.33 -0.75
CA THR D 72 25.69 -8.91 -1.08
C THR D 72 25.43 -8.64 -2.56
N ILE D 73 24.45 -7.80 -2.84
CA ILE D 73 24.19 -7.34 -4.20
C ILE D 73 24.58 -5.88 -4.31
N SER D 74 25.57 -5.59 -5.15
CA SER D 74 26.05 -4.22 -5.28
C SER D 74 26.11 -3.78 -6.75
N GLY D 75 26.48 -2.53 -6.98
CA GLY D 75 26.60 -2.02 -8.33
C GLY D 75 26.29 -0.54 -8.45
N GLU D 76 26.08 -0.09 -9.68
CA GLU D 76 25.72 1.30 -9.94
C GLU D 76 24.70 1.41 -11.06
N VAL D 77 23.64 2.18 -10.84
CA VAL D 77 22.71 2.50 -11.91
C VAL D 77 23.10 3.83 -12.55
N VAL D 78 23.28 3.81 -13.86
CA VAL D 78 23.82 4.97 -14.56
C VAL D 78 22.73 5.77 -15.26
N ASN D 79 22.84 7.09 -15.19
CA ASN D 79 22.00 7.96 -15.96
C ASN D 79 22.52 7.90 -17.39
N GLU D 80 21.68 7.52 -18.35
CA GLU D 80 22.17 7.46 -19.72
C GLU D 80 21.95 8.79 -20.42
N ARG D 81 21.39 9.74 -19.67
CA ARG D 81 21.30 11.12 -20.13
C ARG D 81 22.39 11.98 -19.54
N LYS D 82 23.21 11.40 -18.67
CA LYS D 82 24.33 12.14 -18.14
C LYS D 82 25.40 12.20 -19.21
N ASN D 83 25.21 11.41 -20.26
CA ASN D 83 26.09 11.43 -21.42
C ASN D 83 26.10 12.82 -22.05
N GLU D 84 25.07 13.61 -21.74
CA GLU D 84 24.96 14.96 -22.29
C GLU D 84 24.29 15.94 -21.34
N SER D 85 24.80 17.17 -21.31
CA SER D 85 23.92 18.30 -21.08
C SER D 85 24.02 19.13 -22.34
N THR D 86 23.02 18.98 -23.21
CA THR D 86 22.98 19.57 -24.56
C THR D 86 21.75 19.03 -25.27
N GLU D 87 21.52 19.55 -26.48
CA GLU D 87 20.50 19.04 -27.40
C GLU D 87 19.10 18.91 -26.79
N GLY D 88 18.79 19.80 -25.86
CA GLY D 88 17.55 19.75 -25.11
C GLY D 88 17.76 19.03 -23.79
N ASN D 89 17.04 19.45 -22.75
CA ASN D 89 17.37 19.02 -21.40
C ASN D 89 16.28 18.23 -20.67
N GLN D 90 16.56 17.91 -19.40
CA GLN D 90 15.69 17.06 -18.60
C GLN D 90 14.57 17.84 -17.93
N ARG D 91 13.34 17.54 -18.30
CA ARG D 91 12.18 18.22 -17.75
C ARG D 91 11.70 17.65 -16.42
N TRP D 92 11.87 16.34 -16.22
CA TRP D 92 11.30 15.65 -15.07
C TRP D 92 12.26 14.61 -14.50
N SER D 93 12.56 14.68 -13.21
CA SER D 93 13.32 13.60 -12.57
C SER D 93 12.50 12.88 -11.49
N GLU D 94 12.02 11.68 -11.82
CA GLU D 94 11.50 10.76 -10.81
C GLU D 94 12.46 9.62 -10.48
N ARG D 95 13.59 9.57 -11.17
CA ARG D 95 14.48 8.41 -11.10
C ARG D 95 15.70 8.62 -10.21
N ARG D 96 16.04 7.58 -9.43
CA ARG D 96 17.25 7.61 -8.61
C ARG D 96 18.42 6.96 -9.34
N PHE D 97 19.58 7.59 -9.25
CA PHE D 97 20.80 7.08 -9.88
C PHE D 97 21.95 7.10 -8.89
N GLY D 98 22.82 6.10 -8.96
CA GLY D 98 24.01 6.06 -8.14
C GLY D 98 24.46 4.66 -7.76
N SER D 99 25.38 4.60 -6.80
CA SER D 99 25.89 3.33 -6.31
C SER D 99 24.98 2.76 -5.24
N PHE D 100 24.79 1.44 -5.29
CA PHE D 100 23.96 0.74 -4.32
C PHE D 100 24.65 -0.53 -3.87
N SER D 101 24.57 -0.80 -2.56
CA SER D 101 25.00 -2.10 -2.04
C SER D 101 24.03 -2.56 -0.96
N ARG D 102 23.59 -3.80 -1.07
CA ARG D 102 22.58 -4.33 -0.17
C ARG D 102 22.83 -5.77 0.26
N THR D 103 22.76 -6.01 1.56
CA THR D 103 23.18 -7.30 2.10
C THR D 103 22.04 -8.06 2.78
N ILE D 104 21.81 -9.29 2.35
CA ILE D 104 20.86 -10.19 3.00
C ILE D 104 21.59 -11.30 3.76
N THR D 105 21.27 -11.46 5.04
CA THR D 105 21.82 -12.57 5.82
C THR D 105 20.97 -13.82 5.56
N ILE D 106 21.64 -14.92 5.22
CA ILE D 106 20.94 -16.18 4.99
C ILE D 106 21.18 -17.12 6.16
N PRO D 107 20.15 -17.32 6.99
CA PRO D 107 20.27 -18.17 8.17
C PRO D 107 20.51 -19.63 7.81
N ALA D 108 19.91 -20.09 6.72
CA ALA D 108 20.09 -21.46 6.27
C ALA D 108 21.47 -21.67 5.63
N LYS D 109 21.93 -22.91 5.61
CA LYS D 109 23.22 -23.25 5.00
C LYS D 109 23.06 -23.50 3.49
N ILE D 110 23.92 -22.87 2.69
CA ILE D 110 23.77 -22.89 1.25
C ILE D 110 24.93 -23.64 0.60
N ASP D 111 24.66 -24.32 -0.51
CA ASP D 111 25.71 -24.88 -1.32
C ASP D 111 26.09 -23.77 -2.29
N ALA D 112 27.26 -23.20 -2.08
CA ALA D 112 27.65 -21.97 -2.75
C ALA D 112 28.05 -22.19 -4.19
N ASP D 113 28.33 -23.45 -4.55
CA ASP D 113 28.75 -23.77 -5.90
C ASP D 113 27.55 -23.82 -6.85
N ARG D 114 26.37 -24.12 -6.32
CA ARG D 114 25.16 -24.17 -7.14
C ARG D 114 24.32 -22.88 -7.12
N ILE D 115 24.83 -21.86 -6.43
CA ILE D 115 24.15 -20.55 -6.41
C ILE D 115 24.08 -19.95 -7.82
N GLU D 116 22.89 -19.52 -8.21
CA GLU D 116 22.67 -18.97 -9.54
C GLU D 116 22.06 -17.57 -9.51
N ALA D 117 22.52 -16.71 -10.41
CA ALA D 117 21.98 -15.36 -10.54
C ALA D 117 21.44 -15.14 -11.94
N ASN D 118 20.22 -14.60 -12.04
CA ASN D 118 19.55 -14.42 -13.32
C ASN D 118 18.88 -13.04 -13.45
N PHE D 119 19.25 -12.30 -14.49
CA PHE D 119 18.80 -10.92 -14.65
C PHE D 119 17.81 -10.79 -15.81
N SER D 120 16.53 -10.53 -15.49
CA SER D 120 15.51 -10.45 -16.53
C SER D 120 14.50 -9.33 -16.28
N ASN D 121 14.30 -8.48 -17.29
CA ASN D 121 13.35 -7.37 -17.22
C ASN D 121 13.59 -6.44 -16.05
N GLY D 122 14.87 -6.19 -15.74
CA GLY D 122 15.21 -5.30 -14.63
C GLY D 122 15.11 -5.98 -13.28
N LEU D 123 14.70 -7.25 -13.28
CA LEU D 123 14.59 -8.02 -12.05
C LEU D 123 15.74 -9.02 -11.92
N LEU D 124 16.56 -8.82 -10.89
CA LEU D 124 17.65 -9.74 -10.59
C LEU D 124 17.20 -10.78 -9.57
N THR D 125 17.30 -12.04 -9.93
CA THR D 125 16.89 -13.13 -9.05
C THR D 125 18.06 -14.03 -8.72
N VAL D 126 18.39 -14.10 -7.43
CA VAL D 126 19.46 -14.97 -6.96
C VAL D 126 18.87 -16.21 -6.29
N THR D 127 19.26 -17.38 -6.78
CA THR D 127 18.76 -18.64 -6.23
C THR D 127 19.85 -19.35 -5.43
N LEU D 128 19.58 -19.55 -4.15
CA LEU D 128 20.51 -20.23 -3.26
C LEU D 128 19.94 -21.56 -2.80
N PRO D 129 20.52 -22.67 -3.30
CA PRO D 129 20.11 -24.03 -2.93
C PRO D 129 20.42 -24.33 -1.46
N LYS D 130 19.45 -24.88 -0.75
CA LYS D 130 19.64 -25.25 0.63
C LYS D 130 20.43 -26.54 0.75
N VAL D 131 21.47 -26.53 1.58
CA VAL D 131 22.25 -27.73 1.86
C VAL D 131 21.34 -28.79 2.45
N GLU D 132 20.49 -28.38 3.38
CA GLU D 132 19.53 -29.28 3.99
C GLU D 132 18.10 -28.89 3.64
N LYS D 133 17.44 -29.72 2.83
CA LYS D 133 16.01 -29.58 2.67
C LYS D 133 15.43 -30.02 4.01
N SER D 134 14.69 -29.12 4.66
CA SER D 134 14.29 -29.36 6.04
C SER D 134 12.81 -29.11 6.29
N GLN D 135 12.42 -29.16 7.56
CA GLN D 135 11.02 -29.19 7.95
C GLN D 135 10.20 -28.06 7.33
N THR D 136 9.12 -28.44 6.65
CA THR D 136 8.32 -27.51 5.86
C THR D 136 7.13 -26.92 6.62
N LYS D 137 6.27 -26.25 5.87
CA LYS D 137 5.21 -25.43 6.44
C LYS D 137 4.04 -26.22 7.02
N LYS D 138 3.12 -25.47 7.62
CA LYS D 138 1.81 -25.97 8.03
C LYS D 138 0.82 -24.82 7.84
N GLN D 139 -0.34 -25.09 7.25
CA GLN D 139 -1.36 -24.06 7.18
C GLN D 139 -2.28 -24.14 8.39
N ILE D 140 -2.41 -23.01 9.09
CA ILE D 140 -3.25 -22.95 10.27
C ILE D 140 -4.65 -22.49 9.89
N ALA D 141 -5.65 -23.28 10.27
CA ALA D 141 -7.05 -22.92 10.03
C ALA D 141 -7.52 -21.98 11.13
N ILE D 142 -8.33 -21.00 10.75
CA ILE D 142 -8.78 -19.97 11.69
C ILE D 142 -10.19 -20.26 12.20
N LYS D 143 -10.33 -20.33 13.52
CA LYS D 143 -11.63 -20.52 14.14
C LYS D 143 -12.39 -19.20 14.18
#